data_4WWC
#
_entry.id   4WWC
#
_cell.length_a   79.979
_cell.length_b   79.979
_cell.length_c   239.963
_cell.angle_alpha   90.00
_cell.angle_beta   90.00
_cell.angle_gamma   90.00
#
_symmetry.space_group_name_H-M   'P 43 21 2'
#
loop_
_entity.id
_entity.type
_entity.pdbx_description
1 polymer 'HTH-type transcriptional repressor YvoA'
2 polymer "DNA (5'-D(P*CP*AP*GP*TP*GP*GP*TP*CP*TP*AP*GP*AP*CP*CP*AP*CP*TP*GP*G)-3')"
3 non-polymer 1,2-ETHANEDIOL
4 water water
#
loop_
_entity_poly.entity_id
_entity_poly.type
_entity_poly.pdbx_seq_one_letter_code
_entity_poly.pdbx_strand_id
1 'polypeptide(L)'
;GSHMNINKQSPIPIYYQIMEQLKTQIKNGELQPDMPLPSEREYAEQFGISRMTVRQALSNLVNEGLLYRLKGRGTFVSKP
KMEQALQGLTSFTEDMKSRGMTPGSRLIDYQLIDSTEELAAILGCGHPSSIHKITRVRLANDIPMAIESSHIPFELAGEL
NESHFQSSIYDHIERYNSIPISRAKQELEPSAATTEEANILGIQKGAPVLLIKRTTYLQNGTAFEHAKSVYRGDRYTFVH
YMDRLS
;
A,B
2 'polydeoxyribonucleotide' (DC)(DA)(DG)(DT)(DG)(DG)(DT)(DC)(DT)(DA)(DG)(DA)(DC)(DC)(DA)(DC)(DT)(DG)(DG) E,F
#
# COMPACT_ATOMS: atom_id res chain seq x y z
N HIS A 3 34.28 9.83 -6.23
CA HIS A 3 33.42 8.85 -5.57
CA HIS A 3 33.42 8.90 -5.52
C HIS A 3 31.97 8.99 -6.01
N MET A 4 31.32 10.11 -5.72
CA MET A 4 30.01 10.40 -6.32
C MET A 4 30.25 11.47 -7.38
N ASN A 5 29.51 11.43 -8.49
CA ASN A 5 29.78 12.35 -9.61
C ASN A 5 28.62 13.15 -10.18
N ILE A 6 28.85 14.45 -10.35
CA ILE A 6 27.79 15.34 -10.76
C ILE A 6 28.08 16.02 -12.11
N ASN A 7 27.15 15.89 -13.06
CA ASN A 7 27.29 16.57 -14.35
C ASN A 7 26.29 17.70 -14.47
N LYS A 8 26.76 18.91 -14.17
CA LYS A 8 25.91 20.08 -14.18
C LYS A 8 25.38 20.40 -15.59
N GLN A 9 26.14 20.01 -16.62
CA GLN A 9 25.74 20.27 -18.02
C GLN A 9 24.72 19.28 -18.58
N SER A 10 24.76 18.06 -18.06
CA SER A 10 23.94 16.95 -18.55
C SER A 10 22.43 17.26 -18.55
N PRO A 11 21.69 16.62 -19.47
CA PRO A 11 20.23 16.77 -19.55
C PRO A 11 19.47 16.00 -18.49
N ILE A 12 20.11 15.03 -17.82
CA ILE A 12 19.52 14.43 -16.63
C ILE A 12 19.88 15.31 -15.45
N PRO A 13 18.86 15.82 -14.75
CA PRO A 13 18.97 16.80 -13.66
C PRO A 13 19.87 16.32 -12.50
N ILE A 14 20.41 17.26 -11.73
CA ILE A 14 21.35 16.94 -10.67
C ILE A 14 20.76 16.17 -9.49
N TYR A 15 19.54 16.48 -9.08
CA TYR A 15 18.93 15.71 -8.02
C TYR A 15 18.75 14.27 -8.47
N TYR A 16 18.35 14.07 -9.71
CA TYR A 16 18.09 12.72 -10.20
C TYR A 16 19.41 11.97 -10.27
N GLN A 17 20.48 12.69 -10.56
CA GLN A 17 21.76 12.04 -10.56
C GLN A 17 22.09 11.61 -9.16
N ILE A 18 21.78 12.47 -8.19
CA ILE A 18 22.08 12.15 -6.81
C ILE A 18 21.17 11.05 -6.32
N MET A 19 19.89 11.10 -6.71
CA MET A 19 18.97 10.07 -6.29
C MET A 19 19.52 8.72 -6.69
N GLU A 20 19.74 8.54 -7.99
CA GLU A 20 20.10 7.25 -8.55
C GLU A 20 21.36 6.61 -7.95
N GLN A 21 22.34 7.41 -7.58
CA GLN A 21 23.58 6.82 -7.11
C GLN A 21 23.41 6.38 -5.70
N LEU A 22 22.83 7.27 -4.89
CA LEU A 22 22.51 6.98 -3.50
C LEU A 22 21.75 5.68 -3.38
N LYS A 23 20.75 5.50 -4.26
CA LYS A 23 19.92 4.30 -4.25
C LYS A 23 20.80 3.06 -4.25
N THR A 24 21.86 3.09 -5.05
CA THR A 24 22.75 1.95 -5.13
C THR A 24 23.68 1.86 -3.94
N GLN A 25 24.12 2.99 -3.39
CA GLN A 25 24.95 2.99 -2.17
C GLN A 25 24.18 2.39 -0.96
N ILE A 26 22.86 2.40 -1.06
CA ILE A 26 22.00 1.83 -0.04
C ILE A 26 21.81 0.34 -0.28
N LYS A 27 21.37 -0.07 -1.48
CA LYS A 27 21.29 -1.49 -1.84
C LYS A 27 22.62 -2.22 -1.65
N ASN A 28 23.71 -1.59 -2.08
CA ASN A 28 25.03 -2.20 -2.00
C ASN A 28 25.58 -2.19 -0.59
N GLY A 29 24.92 -1.45 0.29
CA GLY A 29 25.38 -1.31 1.65
C GLY A 29 26.67 -0.54 1.79
N GLU A 30 27.05 0.26 0.79
CA GLU A 30 28.17 1.20 0.96
C GLU A 30 27.85 2.18 2.11
N LEU A 31 26.55 2.47 2.26
CA LEU A 31 26.00 3.23 3.39
C LEU A 31 25.20 2.31 4.28
N GLN A 32 25.28 2.53 5.59
CA GLN A 32 24.74 1.61 6.58
C GLN A 32 23.44 2.11 7.20
N PRO A 33 22.48 1.20 7.41
CA PRO A 33 21.24 1.60 8.09
C PRO A 33 21.52 2.12 9.51
N ASP A 34 20.73 3.11 9.93
CA ASP A 34 20.91 3.74 11.23
C ASP A 34 22.32 4.26 11.41
N MET A 35 22.88 4.74 10.31
CA MET A 35 24.05 5.60 10.36
C MET A 35 23.67 6.75 9.42
N PRO A 36 23.85 7.99 9.89
CA PRO A 36 23.35 9.16 9.19
C PRO A 36 24.14 9.45 7.94
N LEU A 37 23.50 10.16 7.02
CA LEU A 37 24.16 10.53 5.79
C LEU A 37 25.01 11.74 6.08
N PRO A 38 25.88 12.10 5.13
CA PRO A 38 26.50 13.41 5.27
C PRO A 38 25.43 14.48 5.35
N SER A 39 25.77 15.59 5.99
CA SER A 39 24.80 16.65 6.21
C SER A 39 24.22 17.14 4.90
N GLU A 40 23.07 17.79 4.92
CA GLU A 40 22.57 18.41 3.70
C GLU A 40 23.61 19.39 3.16
N ARG A 41 24.20 20.16 4.07
CA ARG A 41 25.18 21.18 3.73
C ARG A 41 26.48 20.55 3.26
N GLU A 42 26.84 19.43 3.87
CA GLU A 42 28.06 18.73 3.48
C GLU A 42 27.91 18.23 2.06
N TYR A 43 26.73 17.71 1.72
CA TYR A 43 26.51 17.24 0.36
C TYR A 43 26.62 18.39 -0.64
N ALA A 44 26.00 19.52 -0.29
CA ALA A 44 25.98 20.68 -1.18
C ALA A 44 27.40 21.17 -1.49
N GLU A 45 28.28 21.16 -0.50
CA GLU A 45 29.64 21.56 -0.78
C GLU A 45 30.38 20.49 -1.55
N GLN A 46 30.39 19.28 -1.02
CA GLN A 46 31.13 18.17 -1.61
C GLN A 46 30.91 18.08 -3.10
N PHE A 47 29.71 18.42 -3.57
CA PHE A 47 29.47 18.45 -5.02
C PHE A 47 29.55 19.82 -5.65
N GLY A 48 29.54 20.86 -4.82
CA GLY A 48 29.58 22.20 -5.36
C GLY A 48 28.28 22.50 -6.06
N ILE A 49 27.19 22.30 -5.33
CA ILE A 49 25.87 22.65 -5.81
C ILE A 49 25.09 23.21 -4.63
N SER A 50 23.84 23.59 -4.87
CA SER A 50 23.06 24.24 -3.84
C SER A 50 22.44 23.29 -2.81
N ARG A 51 22.21 23.78 -1.59
CA ARG A 51 21.61 22.94 -0.55
C ARG A 51 20.28 22.38 -0.99
N MET A 52 19.42 23.25 -1.52
CA MET A 52 18.07 22.87 -1.92
C MET A 52 17.97 21.81 -3.00
N THR A 53 18.96 21.73 -3.87
CA THR A 53 18.85 20.70 -4.90
C THR A 53 19.31 19.33 -4.38
N VAL A 54 20.25 19.32 -3.43
CA VAL A 54 20.49 18.11 -2.60
C VAL A 54 19.21 17.69 -1.90
N ARG A 55 18.60 18.64 -1.22
CA ARG A 55 17.35 18.39 -0.54
C ARG A 55 16.25 17.84 -1.49
N GLN A 56 16.24 18.21 -2.76
CA GLN A 56 15.19 17.62 -3.62
C GLN A 56 15.44 16.15 -3.83
N ALA A 57 16.71 15.77 -3.92
CA ALA A 57 17.00 14.36 -4.09
C ALA A 57 16.60 13.59 -2.84
N LEU A 58 17.19 13.94 -1.69
CA LEU A 58 16.88 13.30 -0.43
C LEU A 58 15.39 13.28 -0.18
N SER A 59 14.74 14.43 -0.30
CA SER A 59 13.31 14.51 -0.08
C SER A 59 12.57 13.48 -0.88
N ASN A 60 12.92 13.36 -2.15
CA ASN A 60 12.28 12.36 -3.00
C ASN A 60 12.54 10.97 -2.49
N LEU A 61 13.76 10.68 -2.04
CA LEU A 61 14.10 9.35 -1.54
C LEU A 61 13.34 9.00 -0.26
N VAL A 62 13.22 9.98 0.62
CA VAL A 62 12.49 9.84 1.87
C VAL A 62 11.02 9.59 1.56
N ASN A 63 10.55 10.27 0.53
CA ASN A 63 9.22 10.06 -0.01
C ASN A 63 9.04 8.64 -0.58
N GLU A 64 10.13 7.94 -0.87
CA GLU A 64 10.06 6.59 -1.44
C GLU A 64 10.34 5.54 -0.39
N GLY A 65 10.51 5.97 0.84
CA GLY A 65 10.64 5.04 1.94
C GLY A 65 12.05 4.58 2.18
N LEU A 66 12.98 5.09 1.37
CA LEU A 66 14.35 4.61 1.45
C LEU A 66 15.19 5.29 2.52
N LEU A 67 14.81 6.51 2.91
CA LEU A 67 15.48 7.24 3.98
C LEU A 67 14.45 7.89 4.90
N TYR A 68 14.87 8.25 6.11
CA TYR A 68 14.01 9.04 6.97
C TYR A 68 14.78 10.13 7.68
N ARG A 69 14.07 11.18 8.09
CA ARG A 69 14.71 12.36 8.64
C ARG A 69 14.39 12.45 10.12
N LEU A 70 15.31 13.00 10.88
CA LEU A 70 15.09 13.28 12.30
C LEU A 70 15.42 14.72 12.61
N LYS A 71 14.37 15.53 12.81
CA LYS A 71 14.52 16.94 13.18
C LYS A 71 15.67 17.09 14.17
N GLY A 72 16.57 18.01 13.84
CA GLY A 72 17.65 18.36 14.73
C GLY A 72 18.78 17.35 14.75
N ARG A 73 18.60 16.21 14.09
CA ARG A 73 19.65 15.20 14.12
C ARG A 73 20.26 14.91 12.73
N GLY A 74 19.45 14.48 11.75
CA GLY A 74 20.00 14.22 10.44
C GLY A 74 19.14 13.39 9.51
N THR A 75 19.74 12.84 8.46
CA THR A 75 18.99 11.98 7.56
C THR A 75 19.61 10.60 7.62
N PHE A 76 18.77 9.60 7.87
CA PHE A 76 19.22 8.24 8.13
C PHE A 76 18.62 7.27 7.10
N VAL A 77 19.33 6.17 6.88
CA VAL A 77 18.88 5.13 5.98
C VAL A 77 17.86 4.21 6.66
N SER A 78 17.11 3.47 5.84
CA SER A 78 16.15 2.49 6.30
C SER A 78 16.55 1.13 5.69
N LYS A 79 16.29 0.03 6.41
CA LYS A 79 16.75 -1.32 6.02
C LYS A 79 15.97 -2.16 4.94
N PRO A 80 14.61 -2.16 4.97
CA PRO A 80 13.75 -3.09 4.20
C PRO A 80 14.02 -3.29 2.72
N LYS A 81 13.35 -4.30 2.19
CA LYS A 81 13.60 -4.80 0.85
C LYS A 81 12.43 -4.45 -0.04
N MET A 82 12.61 -4.72 -1.33
CA MET A 82 11.62 -4.43 -2.35
C MET A 82 10.37 -5.32 -2.26
N GLN A 87 6.61 -7.23 -5.06
CA GLN A 87 7.23 -5.98 -5.42
C GLN A 87 6.24 -4.82 -5.38
N GLY A 88 5.45 -4.77 -6.44
CA GLY A 88 4.39 -3.79 -6.64
C GLY A 88 3.96 -4.06 -8.07
N LEU A 89 2.71 -3.72 -8.40
CA LEU A 89 2.17 -3.89 -9.76
C LEU A 89 2.29 -5.33 -10.30
N THR A 90 1.23 -6.10 -10.18
CA THR A 90 1.31 -7.51 -10.48
C THR A 90 0.49 -7.94 -11.67
N SER A 91 1.13 -8.77 -12.49
CA SER A 91 0.47 -9.70 -13.39
C SER A 91 0.76 -11.08 -12.79
N PHE A 92 0.20 -12.15 -13.37
CA PHE A 92 0.54 -13.48 -12.88
C PHE A 92 2.00 -13.72 -13.09
N THR A 93 2.43 -13.41 -14.30
CA THR A 93 3.79 -13.67 -14.78
C THR A 93 4.90 -12.90 -14.04
N GLU A 94 4.72 -11.61 -13.71
CA GLU A 94 5.77 -10.93 -12.93
C GLU A 94 5.73 -11.40 -11.49
N ASP A 95 4.54 -11.77 -11.04
CA ASP A 95 4.34 -12.27 -9.69
C ASP A 95 5.07 -13.60 -9.48
N MET A 96 5.19 -14.41 -10.53
CA MET A 96 5.87 -15.68 -10.43
C MET A 96 7.37 -15.49 -10.49
N LYS A 97 7.85 -14.77 -11.50
CA LYS A 97 9.29 -14.49 -11.64
C LYS A 97 9.84 -13.94 -10.32
N SER A 98 9.03 -13.12 -9.67
CA SER A 98 9.35 -12.59 -8.35
C SER A 98 9.51 -13.69 -7.30
N ARG A 99 8.84 -14.83 -7.50
CA ARG A 99 8.89 -15.91 -6.52
C ARG A 99 9.91 -16.97 -6.89
N GLY A 100 10.72 -16.66 -7.90
CA GLY A 100 11.74 -17.57 -8.36
C GLY A 100 11.15 -18.65 -9.21
N MET A 101 10.11 -18.32 -9.95
CA MET A 101 9.41 -19.34 -10.73
C MET A 101 9.17 -18.96 -12.19
N THR A 102 9.05 -19.97 -13.05
CA THR A 102 8.82 -19.73 -14.47
C THR A 102 7.35 -19.90 -14.84
N PRO A 103 6.68 -18.77 -15.16
CA PRO A 103 5.24 -18.71 -15.47
C PRO A 103 4.90 -19.33 -16.81
N GLY A 104 3.71 -19.95 -16.89
CA GLY A 104 3.23 -20.54 -18.12
C GLY A 104 1.75 -20.30 -18.28
N SER A 105 1.21 -20.57 -19.47
CA SER A 105 -0.21 -20.34 -19.73
C SER A 105 -0.74 -21.37 -20.71
N ARG A 106 -1.89 -21.94 -20.39
CA ARG A 106 -2.56 -22.90 -21.25
C ARG A 106 -3.98 -22.44 -21.45
N LEU A 107 -4.30 -22.06 -22.68
CA LEU A 107 -5.65 -21.57 -22.94
C LEU A 107 -6.62 -22.74 -22.92
N ILE A 108 -7.78 -22.53 -22.30
CA ILE A 108 -8.79 -23.57 -22.20
C ILE A 108 -10.14 -23.07 -22.68
N ASP A 109 -10.26 -21.76 -22.86
CA ASP A 109 -11.49 -21.20 -23.38
C ASP A 109 -11.25 -19.78 -23.92
N TYR A 110 -11.98 -19.40 -24.96
CA TYR A 110 -12.02 -18.01 -25.45
C TYR A 110 -13.45 -17.71 -25.91
N GLN A 111 -13.89 -16.47 -25.76
CA GLN A 111 -15.25 -16.06 -26.12
C GLN A 111 -15.46 -14.54 -26.29
N LEU A 112 -16.51 -14.18 -27.02
CA LEU A 112 -17.12 -12.84 -27.03
C LEU A 112 -18.61 -12.95 -26.71
N ILE A 113 -19.02 -12.45 -25.54
CA ILE A 113 -20.42 -12.53 -25.11
C ILE A 113 -20.94 -11.11 -24.88
N ASP A 114 -22.25 -11.00 -24.66
CA ASP A 114 -22.89 -9.70 -24.55
C ASP A 114 -22.43 -9.08 -23.24
N SER A 115 -22.84 -7.84 -22.98
CA SER A 115 -22.53 -7.25 -21.68
C SER A 115 -23.74 -7.35 -20.75
N THR A 116 -23.57 -8.07 -19.64
CA THR A 116 -24.56 -8.04 -18.56
C THR A 116 -24.30 -6.80 -17.73
N GLU A 117 -25.34 -6.27 -17.10
CA GLU A 117 -25.23 -4.97 -16.43
C GLU A 117 -24.18 -4.90 -15.29
N GLU A 118 -24.09 -5.95 -14.47
CA GLU A 118 -23.13 -5.98 -13.36
C GLU A 118 -21.72 -5.76 -13.89
N LEU A 119 -21.38 -6.51 -14.94
CA LEU A 119 -20.12 -6.35 -15.67
C LEU A 119 -20.04 -4.98 -16.33
N ALA A 120 -21.18 -4.58 -16.92
CA ALA A 120 -21.30 -3.30 -17.62
C ALA A 120 -21.17 -2.11 -16.70
N ALA A 121 -21.56 -2.27 -15.43
CA ALA A 121 -21.44 -1.18 -14.48
C ALA A 121 -19.98 -0.77 -14.34
N ILE A 122 -19.06 -1.74 -14.37
CA ILE A 122 -17.65 -1.39 -14.41
C ILE A 122 -17.45 -0.87 -15.84
N LEU A 123 -16.56 0.10 -16.02
CA LEU A 123 -16.24 0.67 -17.34
C LEU A 123 -17.52 1.14 -18.06
N GLY A 124 -17.48 1.32 -19.38
CA GLY A 124 -18.60 1.91 -20.08
C GLY A 124 -19.51 1.05 -20.95
N CYS A 125 -20.72 1.55 -21.15
CA CYS A 125 -21.83 0.98 -21.95
C CYS A 125 -22.02 -0.55 -21.97
N GLY A 126 -23.27 -0.96 -21.79
CA GLY A 126 -23.60 -2.37 -21.75
C GLY A 126 -25.08 -2.63 -21.56
N HIS A 127 -25.44 -3.90 -21.64
CA HIS A 127 -26.84 -4.30 -21.75
C HIS A 127 -27.33 -5.03 -20.50
N SER A 129 -19.55 -2.76 -25.77
CA SER A 129 -20.57 -3.78 -25.54
C SER A 129 -20.07 -5.17 -25.96
N SER A 130 -19.09 -5.19 -26.85
CA SER A 130 -18.42 -6.42 -27.22
C SER A 130 -17.34 -6.74 -26.19
N ILE A 131 -17.40 -7.90 -25.55
CA ILE A 131 -16.42 -8.22 -24.50
C ILE A 131 -15.57 -9.48 -24.77
N HIS A 132 -14.25 -9.32 -24.77
CA HIS A 132 -13.33 -10.49 -24.79
C HIS A 132 -13.34 -11.20 -23.43
N LYS A 133 -13.46 -12.52 -23.45
CA LYS A 133 -13.36 -13.28 -22.21
C LYS A 133 -12.35 -14.44 -22.32
N ILE A 134 -11.09 -14.15 -21.98
CA ILE A 134 -10.06 -15.18 -22.09
C ILE A 134 -9.93 -15.95 -20.76
N THR A 135 -10.09 -17.28 -20.85
CA THR A 135 -9.92 -18.14 -19.70
C THR A 135 -8.67 -19.00 -19.85
N ARG A 136 -7.60 -18.60 -19.18
CA ARG A 136 -6.38 -19.37 -19.21
C ARG A 136 -6.30 -20.15 -17.90
N VAL A 137 -5.52 -21.24 -17.89
CA VAL A 137 -5.11 -21.85 -16.65
C VAL A 137 -3.67 -21.41 -16.50
N ARG A 138 -3.37 -20.79 -15.36
CA ARG A 138 -2.06 -20.21 -15.11
C ARG A 138 -1.12 -21.24 -14.53
N LEU A 139 0.12 -21.21 -15.00
CA LEU A 139 1.10 -22.22 -14.66
C LEU A 139 2.30 -21.61 -13.99
N ALA A 140 2.89 -22.37 -13.08
CA ALA A 140 4.14 -21.98 -12.45
C ALA A 140 5.05 -23.19 -12.48
N ASN A 141 6.11 -23.14 -13.29
CA ASN A 141 6.98 -24.27 -13.48
C ASN A 141 6.11 -25.45 -13.91
N ASP A 142 5.13 -25.19 -14.77
CA ASP A 142 4.20 -26.20 -15.30
C ASP A 142 3.20 -26.80 -14.29
N ILE A 143 3.03 -26.18 -13.13
CA ILE A 143 1.96 -26.54 -12.17
C ILE A 143 0.72 -25.65 -12.33
N PRO A 144 -0.49 -26.23 -12.31
CA PRO A 144 -1.64 -25.31 -12.26
C PRO A 144 -1.67 -24.52 -10.97
N MET A 145 -1.70 -23.19 -11.03
CA MET A 145 -1.76 -22.38 -9.82
C MET A 145 -3.10 -21.71 -9.70
N ALA A 146 -3.59 -21.24 -10.85
CA ALA A 146 -4.84 -20.53 -10.86
C ALA A 146 -5.69 -20.88 -12.08
N ILE A 147 -6.98 -20.51 -12.02
CA ILE A 147 -7.85 -20.53 -13.19
C ILE A 147 -8.27 -19.08 -13.38
N GLU A 148 -7.98 -18.50 -14.53
CA GLU A 148 -8.18 -17.07 -14.73
C GLU A 148 -9.06 -16.67 -15.90
N SER A 149 -10.24 -16.12 -15.59
CA SER A 149 -11.18 -15.61 -16.60
C SER A 149 -11.03 -14.08 -16.78
N SER A 150 -10.32 -13.66 -17.82
CA SER A 150 -10.02 -12.24 -18.01
C SER A 150 -10.93 -11.53 -19.01
N HIS A 151 -11.45 -10.35 -18.65
CA HIS A 151 -12.47 -9.62 -19.43
C HIS A 151 -12.05 -8.22 -19.97
N ILE A 152 -12.09 -8.02 -21.30
CA ILE A 152 -11.74 -6.74 -21.97
C ILE A 152 -12.64 -6.47 -23.21
N PRO A 153 -13.12 -5.22 -23.39
CA PRO A 153 -14.03 -4.82 -24.50
C PRO A 153 -13.46 -4.49 -25.92
N PHE A 154 -12.13 -4.33 -26.07
CA PHE A 154 -11.44 -4.12 -27.36
C PHE A 154 -11.69 -2.75 -27.96
N GLU A 155 -12.51 -1.95 -27.28
CA GLU A 155 -12.92 -0.64 -27.74
C GLU A 155 -11.83 0.41 -27.59
N ILE A 181 0.97 0.60 -15.35
CA ILE A 181 0.28 1.78 -15.84
C ILE A 181 -0.97 2.10 -14.99
N SER A 182 -0.91 3.23 -14.28
CA SER A 182 -2.00 3.77 -13.45
C SER A 182 -2.45 2.89 -12.26
N ARG A 183 -3.76 2.78 -11.99
CA ARG A 183 -4.23 2.15 -10.74
C ARG A 183 -4.89 0.78 -10.92
N ALA A 184 -4.91 -0.02 -9.84
CA ALA A 184 -5.47 -1.39 -9.84
C ALA A 184 -6.32 -1.65 -8.59
N LYS A 185 -7.36 -2.47 -8.74
CA LYS A 185 -8.25 -2.84 -7.63
C LYS A 185 -8.44 -4.34 -7.43
N GLN A 186 -7.87 -4.89 -6.36
CA GLN A 186 -8.00 -6.32 -6.11
C GLN A 186 -8.92 -6.60 -4.93
N GLU A 187 -9.85 -7.55 -5.11
CA GLU A 187 -10.74 -8.04 -4.08
C GLU A 187 -10.51 -9.54 -3.82
N LEU A 188 -10.08 -9.89 -2.61
CA LEU A 188 -9.79 -11.27 -2.27
C LEU A 188 -10.85 -11.84 -1.36
N GLU A 189 -11.16 -13.12 -1.53
CA GLU A 189 -12.24 -13.73 -0.81
C GLU A 189 -11.99 -15.23 -0.74
N PRO A 190 -12.07 -15.81 0.45
CA PRO A 190 -11.67 -17.21 0.48
C PRO A 190 -12.80 -18.14 0.11
N SER A 191 -12.46 -19.30 -0.42
CA SER A 191 -13.48 -20.25 -0.84
C SER A 191 -12.99 -21.70 -0.81
N ALA A 192 -13.92 -22.63 -1.01
CA ALA A 192 -13.61 -24.05 -1.17
C ALA A 192 -13.90 -24.48 -2.59
N ALA A 193 -13.03 -25.33 -3.13
CA ALA A 193 -13.02 -25.65 -4.57
C ALA A 193 -14.27 -26.33 -5.06
N THR A 194 -14.85 -25.78 -6.11
CA THR A 194 -15.92 -26.47 -6.79
C THR A 194 -15.25 -27.64 -7.52
N THR A 195 -16.05 -28.59 -7.95
CA THR A 195 -15.54 -29.83 -8.52
C THR A 195 -14.79 -29.66 -9.84
N GLU A 196 -15.18 -28.70 -10.67
CA GLU A 196 -14.44 -28.50 -11.91
C GLU A 196 -13.18 -27.69 -11.63
N GLU A 197 -13.27 -26.79 -10.66
CA GLU A 197 -12.11 -26.02 -10.21
C GLU A 197 -11.05 -26.97 -9.70
N ALA A 198 -11.45 -27.83 -8.77
CA ALA A 198 -10.58 -28.86 -8.25
C ALA A 198 -9.98 -29.66 -9.39
N ASN A 199 -10.82 -29.99 -10.37
CA ASN A 199 -10.42 -30.82 -11.51
C ASN A 199 -9.21 -30.26 -12.24
N ILE A 200 -9.37 -29.06 -12.81
CA ILE A 200 -8.29 -28.36 -13.52
C ILE A 200 -6.98 -28.29 -12.75
N LEU A 201 -7.06 -27.75 -11.55
CA LEU A 201 -5.87 -27.48 -10.77
C LEU A 201 -5.25 -28.77 -10.27
N GLY A 202 -5.99 -29.86 -10.34
CA GLY A 202 -5.52 -31.10 -9.78
C GLY A 202 -5.46 -31.07 -8.27
N ILE A 203 -6.52 -30.59 -7.65
CA ILE A 203 -6.59 -30.62 -6.19
C ILE A 203 -7.92 -31.25 -5.76
N GLN A 204 -7.96 -31.65 -4.49
CA GLN A 204 -9.16 -32.24 -3.93
C GLN A 204 -10.29 -31.22 -4.05
N LYS A 205 -11.51 -31.70 -4.28
CA LYS A 205 -12.70 -30.87 -4.18
C LYS A 205 -12.77 -30.36 -2.75
N GLY A 206 -13.35 -29.19 -2.55
CA GLY A 206 -13.48 -28.59 -1.22
C GLY A 206 -12.23 -27.93 -0.64
N ALA A 207 -11.10 -28.12 -1.31
CA ALA A 207 -9.83 -27.56 -0.89
C ALA A 207 -9.85 -26.04 -0.90
N PRO A 208 -9.21 -25.43 0.12
CA PRO A 208 -9.09 -23.98 0.21
C PRO A 208 -8.58 -23.40 -1.09
N VAL A 209 -9.35 -22.48 -1.66
CA VAL A 209 -8.89 -21.70 -2.79
C VAL A 209 -8.99 -20.24 -2.42
N LEU A 210 -8.33 -19.40 -3.21
CA LEU A 210 -8.38 -17.97 -3.04
C LEU A 210 -8.99 -17.35 -4.28
N LEU A 211 -10.14 -16.69 -4.11
CA LEU A 211 -10.84 -15.98 -5.19
C LEU A 211 -10.39 -14.51 -5.31
N ILE A 212 -9.72 -14.15 -6.39
CA ILE A 212 -9.25 -12.78 -6.62
C ILE A 212 -9.96 -12.09 -7.80
N LYS A 213 -10.66 -10.98 -7.55
CA LYS A 213 -11.16 -10.11 -8.64
C LYS A 213 -10.24 -8.90 -8.89
N ARG A 214 -9.42 -8.95 -9.94
CA ARG A 214 -8.45 -7.87 -10.20
C ARG A 214 -8.92 -6.91 -11.29
N THR A 215 -9.39 -5.72 -10.90
CA THR A 215 -9.75 -4.68 -11.86
C THR A 215 -8.66 -3.61 -11.94
N THR A 216 -8.23 -3.32 -13.16
CA THR A 216 -7.14 -2.38 -13.39
C THR A 216 -7.63 -1.26 -14.33
N TYR A 217 -7.32 -0.02 -13.98
CA TYR A 217 -7.84 1.12 -14.73
C TYR A 217 -6.68 1.75 -15.51
N LEU A 218 -6.97 2.46 -16.59
CA LEU A 218 -5.89 3.21 -17.24
C LEU A 218 -5.75 4.62 -16.63
N GLN A 219 -4.79 5.37 -17.14
CA GLN A 219 -4.57 6.75 -16.73
C GLN A 219 -5.73 7.63 -17.19
N ASN A 220 -6.47 7.10 -18.17
CA ASN A 220 -7.73 7.67 -18.62
C ASN A 220 -8.70 7.81 -17.43
N GLY A 221 -8.53 6.93 -16.45
CA GLY A 221 -9.49 6.80 -15.36
C GLY A 221 -10.61 5.89 -15.80
N THR A 222 -10.34 5.16 -16.88
CA THR A 222 -11.26 4.16 -17.42
C THR A 222 -10.68 2.78 -17.18
N ALA A 223 -11.54 1.83 -16.82
CA ALA A 223 -11.09 0.47 -16.53
C ALA A 223 -10.62 -0.28 -17.76
N PHE A 224 -9.60 -1.12 -17.60
CA PHE A 224 -8.99 -1.84 -18.71
C PHE A 224 -9.22 -3.35 -18.65
N GLU A 225 -8.88 -3.99 -17.54
CA GLU A 225 -9.03 -5.45 -17.45
C GLU A 225 -9.73 -5.88 -16.15
N HIS A 226 -10.70 -6.77 -16.27
CA HIS A 226 -11.36 -7.35 -15.10
C HIS A 226 -11.20 -8.85 -15.10
N ALA A 227 -10.46 -9.34 -14.11
CA ALA A 227 -10.07 -10.73 -14.05
C ALA A 227 -10.62 -11.44 -12.82
N LYS A 228 -11.41 -12.48 -13.03
CA LYS A 228 -11.85 -13.36 -11.95
C LYS A 228 -11.02 -14.63 -11.96
N SER A 229 -10.20 -14.81 -10.92
CA SER A 229 -9.23 -15.89 -10.86
C SER A 229 -9.55 -16.79 -9.69
N VAL A 230 -9.06 -18.03 -9.75
CA VAL A 230 -9.16 -18.92 -8.61
C VAL A 230 -7.79 -19.46 -8.36
N TYR A 231 -7.30 -19.33 -7.11
CA TYR A 231 -5.94 -19.72 -6.76
C TYR A 231 -5.91 -20.83 -5.72
N ARG A 232 -5.05 -21.83 -5.91
CA ARG A 232 -4.97 -22.91 -4.95
C ARG A 232 -4.38 -22.44 -3.62
N GLY A 233 -4.95 -22.89 -2.51
CA GLY A 233 -4.54 -22.41 -1.21
C GLY A 233 -3.27 -23.08 -0.74
N ASP A 234 -3.00 -24.26 -1.26
CA ASP A 234 -1.85 -25.05 -0.84
C ASP A 234 -0.56 -24.45 -1.31
N ARG A 235 -0.45 -24.12 -2.59
CA ARG A 235 0.82 -23.65 -3.14
C ARG A 235 0.91 -22.13 -3.36
N TYR A 236 -0.15 -21.38 -3.05
CA TYR A 236 -0.13 -19.92 -3.29
C TYR A 236 -0.59 -19.05 -2.11
N THR A 237 0.26 -18.09 -1.73
CA THR A 237 -0.06 -17.04 -0.77
C THR A 237 0.02 -15.65 -1.40
N PHE A 238 -1.01 -14.83 -1.19
CA PHE A 238 -1.04 -13.46 -1.68
C PHE A 238 -0.17 -12.53 -0.84
N VAL A 239 0.78 -11.82 -1.47
CA VAL A 239 1.63 -10.86 -0.75
C VAL A 239 1.55 -9.43 -1.32
N HIS A 240 1.61 -8.47 -0.41
CA HIS A 240 1.06 -7.13 -0.61
C HIS A 240 1.76 -6.07 0.29
N TYR A 241 2.08 -4.87 -0.22
CA TYR A 241 2.74 -3.84 0.60
C TYR A 241 1.98 -2.52 0.68
N MET A 242 1.92 -1.93 1.87
CA MET A 242 1.15 -0.70 2.04
C MET A 242 1.93 0.49 2.56
N ASP A 243 1.49 1.68 2.11
CA ASP A 243 2.06 2.96 2.48
C ASP A 243 0.91 3.82 2.96
N ARG A 244 1.20 4.84 3.77
CA ARG A 244 0.28 5.96 4.10
C ARG A 244 0.87 6.77 5.23
N LEU A 245 0.35 7.99 5.40
CA LEU A 245 0.65 8.79 6.56
C LEU A 245 -0.46 9.83 6.81
N HIS B 3 -11.07 31.20 -2.98
N HIS B 3 -12.09 32.76 -1.93
CA HIS B 3 -10.88 32.40 -2.17
CA HIS B 3 -10.79 33.37 -1.66
C HIS B 3 -9.96 32.16 -0.97
C HIS B 3 -9.91 32.50 -0.78
N MET B 4 -8.66 32.35 -1.18
CA MET B 4 -7.63 31.74 -0.34
C MET B 4 -6.92 32.73 0.57
N ASN B 5 -6.54 32.34 1.77
CA ASN B 5 -5.88 33.28 2.69
C ASN B 5 -4.61 32.79 3.39
N ILE B 6 -3.55 33.57 3.24
CA ILE B 6 -2.22 33.22 3.75
C ILE B 6 -1.60 34.30 4.64
N ASN B 7 -1.16 33.89 5.83
CA ASN B 7 -0.52 34.77 6.80
C ASN B 7 0.97 34.49 6.94
N LYS B 8 1.84 35.31 6.35
CA LYS B 8 3.28 35.04 6.48
C LYS B 8 3.69 35.14 7.94
N GLN B 9 2.97 35.95 8.70
CA GLN B 9 3.34 36.22 10.08
C GLN B 9 2.94 35.05 11.01
N SER B 10 1.97 34.25 10.59
CA SER B 10 1.52 33.10 11.37
C SER B 10 2.68 32.15 11.71
N PRO B 11 2.58 31.39 12.80
CA PRO B 11 3.62 30.41 13.11
C PRO B 11 3.45 29.17 12.24
N ILE B 12 2.26 29.06 11.64
CA ILE B 12 1.91 27.96 10.70
C ILE B 12 2.54 28.17 9.32
N PRO B 13 3.31 27.18 8.85
CA PRO B 13 4.07 27.45 7.63
C PRO B 13 3.17 27.82 6.45
N ILE B 14 3.69 28.63 5.54
CA ILE B 14 2.93 29.18 4.44
C ILE B 14 2.53 28.09 3.47
N TYR B 15 3.42 27.15 3.21
CA TYR B 15 3.05 26.09 2.29
C TYR B 15 1.89 25.29 2.85
N TYR B 16 1.88 25.08 4.16
CA TYR B 16 0.85 24.26 4.79
C TYR B 16 -0.50 24.95 4.78
N GLN B 17 -0.47 26.27 4.86
CA GLN B 17 -1.71 27.04 4.83
C GLN B 17 -2.32 26.91 3.46
N ILE B 18 -1.46 26.89 2.45
CA ILE B 18 -1.88 26.78 1.07
C ILE B 18 -2.40 25.36 0.81
N MET B 19 -1.74 24.36 1.38
CA MET B 19 -2.24 22.99 1.27
C MET B 19 -3.61 22.82 1.91
N GLU B 20 -3.71 23.10 3.20
CA GLU B 20 -4.93 22.81 3.94
C GLU B 20 -6.16 23.48 3.34
N GLN B 21 -5.99 24.67 2.79
CA GLN B 21 -7.13 25.39 2.23
C GLN B 21 -7.52 24.84 0.88
N LEU B 22 -6.57 24.69 -0.03
CA LEU B 22 -6.84 24.09 -1.35
C LEU B 22 -7.54 22.75 -1.24
N LYS B 23 -7.08 21.96 -0.28
CA LYS B 23 -7.63 20.64 -0.03
C LYS B 23 -9.15 20.74 0.10
N THR B 24 -9.62 21.76 0.81
CA THR B 24 -11.05 21.97 0.99
C THR B 24 -11.71 22.61 -0.24
N GLN B 25 -11.00 23.51 -0.91
CA GLN B 25 -11.54 24.09 -2.14
C GLN B 25 -11.80 23.01 -3.19
N ILE B 26 -11.17 21.85 -3.05
CA ILE B 26 -11.40 20.71 -3.94
C ILE B 26 -12.59 19.84 -3.48
N LYS B 27 -12.59 19.46 -2.20
CA LYS B 27 -13.71 18.73 -1.62
C LYS B 27 -14.99 19.52 -1.86
N ASN B 28 -14.94 20.83 -1.60
CA ASN B 28 -16.09 21.73 -1.76
C ASN B 28 -16.35 22.02 -3.23
N GLY B 29 -15.47 21.50 -4.07
CA GLY B 29 -15.64 21.55 -5.51
C GLY B 29 -15.68 22.97 -6.03
N GLU B 30 -15.24 23.91 -5.20
CA GLU B 30 -15.09 25.28 -5.65
C GLU B 30 -14.16 25.28 -6.83
N LEU B 31 -13.22 24.32 -6.82
CA LEU B 31 -12.32 24.06 -7.94
C LEU B 31 -12.72 22.76 -8.61
N GLN B 32 -12.69 22.77 -9.93
CA GLN B 32 -13.19 21.64 -10.71
C GLN B 32 -12.11 20.87 -11.42
N PRO B 33 -12.26 19.54 -11.43
CA PRO B 33 -11.32 18.61 -12.06
C PRO B 33 -11.14 18.89 -13.54
N ASP B 34 -9.92 18.67 -14.03
CA ASP B 34 -9.52 18.97 -15.41
C ASP B 34 -9.76 20.46 -15.71
N MET B 35 -9.48 21.29 -14.71
CA MET B 35 -9.38 22.75 -14.81
C MET B 35 -8.09 23.26 -14.14
N PRO B 36 -7.37 24.19 -14.82
CA PRO B 36 -6.10 24.67 -14.28
C PRO B 36 -6.30 25.62 -13.11
N LEU B 37 -5.29 25.68 -12.24
CA LEU B 37 -5.21 26.62 -11.14
C LEU B 37 -4.50 27.88 -11.55
N PRO B 38 -4.57 28.92 -10.71
CA PRO B 38 -3.66 30.02 -10.98
C PRO B 38 -2.22 29.54 -11.11
N SER B 39 -1.41 30.28 -11.84
CA SER B 39 -0.03 29.90 -12.11
C SER B 39 0.82 29.79 -10.85
N GLU B 40 1.94 29.09 -10.93
CA GLU B 40 2.85 29.12 -9.79
C GLU B 40 3.25 30.57 -9.50
N ARG B 41 3.54 31.32 -10.57
CA ARG B 41 3.97 32.73 -10.46
C ARG B 41 2.88 33.66 -10.01
N GLU B 42 1.67 33.36 -10.44
CA GLU B 42 0.49 34.15 -10.09
C GLU B 42 0.17 34.01 -8.63
N TYR B 43 0.28 32.79 -8.13
CA TYR B 43 0.04 32.50 -6.74
C TYR B 43 1.05 33.22 -5.87
N ALA B 44 2.31 33.14 -6.32
CA ALA B 44 3.42 33.72 -5.62
C ALA B 44 3.21 35.22 -5.47
N GLU B 45 2.62 35.85 -6.49
CA GLU B 45 2.35 37.28 -6.39
C GLU B 45 1.17 37.60 -5.49
N GLN B 46 0.03 36.96 -5.76
CA GLN B 46 -1.19 37.22 -5.02
C GLN B 46 -0.97 37.20 -3.49
N PHE B 47 -0.07 36.34 -3.04
CA PHE B 47 0.18 36.27 -1.60
C PHE B 47 1.43 37.03 -1.17
N GLY B 48 2.25 37.42 -2.14
CA GLY B 48 3.48 38.11 -1.82
C GLY B 48 4.43 37.14 -1.15
N ILE B 49 4.66 36.01 -1.83
CA ILE B 49 5.60 35.01 -1.34
C ILE B 49 6.39 34.48 -2.53
N SER B 50 7.37 33.61 -2.27
CA SER B 50 8.22 33.15 -3.35
C SER B 50 7.56 32.03 -4.15
N ARG B 51 7.88 31.91 -5.44
CA ARG B 51 7.27 30.86 -6.25
C ARG B 51 7.53 29.50 -5.62
N MET B 52 8.76 29.28 -5.15
CA MET B 52 9.13 27.98 -4.58
C MET B 52 8.25 27.66 -3.38
N THR B 53 7.75 28.70 -2.71
CA THR B 53 6.90 28.45 -1.57
C THR B 53 5.49 28.07 -2.03
N VAL B 54 5.03 28.70 -3.10
CA VAL B 54 3.84 28.18 -3.77
C VAL B 54 4.12 26.75 -4.18
N ARG B 55 5.22 26.57 -4.89
CA ARG B 55 5.54 25.28 -5.43
C ARG B 55 5.61 24.15 -4.40
N GLN B 56 6.05 24.43 -3.17
CA GLN B 56 6.16 23.34 -2.19
C GLN B 56 4.81 22.78 -1.82
N ALA B 57 3.82 23.65 -1.70
CA ALA B 57 2.49 23.19 -1.37
C ALA B 57 1.96 22.41 -2.56
N LEU B 58 1.88 23.04 -3.74
CA LEU B 58 1.41 22.37 -4.96
C LEU B 58 2.13 21.06 -5.16
N SER B 59 3.45 21.08 -5.19
CA SER B 59 4.22 19.84 -5.35
C SER B 59 3.80 18.78 -4.34
N ASN B 60 3.53 19.16 -3.11
CA ASN B 60 3.00 18.15 -2.18
C ASN B 60 1.62 17.62 -2.62
N LEU B 61 0.71 18.48 -3.04
CA LEU B 61 -0.64 18.03 -3.40
C LEU B 61 -0.64 17.11 -4.63
N VAL B 62 0.22 17.39 -5.60
CA VAL B 62 0.37 16.54 -6.76
C VAL B 62 0.94 15.19 -6.32
N ASN B 63 1.87 15.26 -5.39
CA ASN B 63 2.50 14.08 -4.86
C ASN B 63 1.49 13.21 -4.08
N GLU B 64 0.34 13.81 -3.74
CA GLU B 64 -0.75 13.11 -3.06
C GLU B 64 -1.91 12.79 -4.00
N GLY B 65 -1.81 13.17 -5.27
CA GLY B 65 -2.84 12.82 -6.23
C GLY B 65 -4.02 13.78 -6.40
N LEU B 66 -4.00 14.90 -5.69
CA LEU B 66 -5.11 15.85 -5.73
C LEU B 66 -4.98 16.83 -6.90
N LEU B 67 -3.77 16.96 -7.44
CA LEU B 67 -3.49 17.82 -8.59
C LEU B 67 -2.57 17.15 -9.62
N TYR B 68 -2.56 17.66 -10.86
CA TYR B 68 -1.57 17.20 -11.83
C TYR B 68 -1.03 18.31 -12.74
N ARG B 69 0.17 18.07 -13.28
CA ARG B 69 0.89 19.06 -14.08
C ARG B 69 1.06 18.68 -15.55
N LEU B 70 1.07 19.71 -16.41
CA LEU B 70 1.34 19.61 -17.85
C LEU B 70 2.38 20.61 -18.34
N LYS B 71 3.57 20.12 -18.74
CA LYS B 71 4.63 20.97 -19.28
C LYS B 71 3.99 22.02 -20.16
N GLY B 72 4.28 23.28 -19.85
CA GLY B 72 3.86 24.38 -20.68
C GLY B 72 2.41 24.83 -20.59
N ARG B 73 1.58 24.11 -19.85
CA ARG B 73 0.19 24.53 -19.74
C ARG B 73 -0.16 24.99 -18.33
N GLY B 74 0.04 24.15 -17.33
CA GLY B 74 -0.26 24.57 -15.97
C GLY B 74 -0.41 23.46 -14.96
N THR B 75 -1.07 23.79 -13.86
CA THR B 75 -1.33 22.85 -12.79
C THR B 75 -2.84 22.61 -12.73
N PHE B 76 -3.25 21.35 -12.76
CA PHE B 76 -4.67 21.05 -12.81
C PHE B 76 -5.13 20.19 -11.63
N VAL B 77 -6.39 20.37 -11.25
CA VAL B 77 -7.07 19.66 -10.17
C VAL B 77 -7.39 18.24 -10.66
N SER B 78 -7.65 17.30 -9.75
CA SER B 78 -7.91 15.92 -10.19
C SER B 78 -9.24 15.25 -9.81
N LYS B 79 -9.73 14.52 -10.82
CA LYS B 79 -10.34 13.19 -10.75
C LYS B 79 -10.37 12.49 -9.38
N PRO B 80 -11.48 12.57 -8.62
CA PRO B 80 -11.47 12.04 -7.24
C PRO B 80 -11.00 10.57 -7.06
N LYS B 81 -10.61 10.27 -5.82
CA LYS B 81 -9.97 9.02 -5.40
C LYS B 81 -10.73 8.37 -4.20
N MET B 82 -10.27 7.20 -3.76
CA MET B 82 -10.77 6.50 -2.57
C MET B 82 -9.50 5.95 -1.91
N GLU B 83 -9.57 5.44 -0.67
CA GLU B 83 -8.33 5.30 0.13
C GLU B 83 -7.73 3.88 0.33
N GLN B 84 -8.59 2.89 0.58
CA GLN B 84 -8.11 1.53 0.80
C GLN B 84 -9.19 0.50 0.50
N GLY B 88 -4.43 2.23 1.92
CA GLY B 88 -3.20 1.71 2.51
C GLY B 88 -3.12 1.88 4.02
N LEU B 89 -2.31 1.05 4.67
CA LEU B 89 -2.09 1.11 6.13
C LEU B 89 -3.32 1.20 6.98
N THR B 90 -4.19 0.22 6.87
CA THR B 90 -5.43 0.35 7.57
C THR B 90 -5.39 -0.68 8.67
N SER B 91 -5.97 -0.30 9.80
CA SER B 91 -6.25 -1.21 10.88
C SER B 91 -7.69 -1.66 10.78
N PHE B 92 -8.09 -2.62 11.61
CA PHE B 92 -9.46 -3.14 11.57
C PHE B 92 -10.43 -2.04 11.85
N THR B 93 -10.22 -1.25 12.90
CA THR B 93 -11.20 -0.24 13.27
C THR B 93 -11.45 0.76 12.13
N GLU B 94 -10.38 1.15 11.45
CA GLU B 94 -10.46 2.07 10.31
C GLU B 94 -11.05 1.40 9.08
N ASP B 95 -10.80 0.09 8.93
CA ASP B 95 -11.33 -0.69 7.82
C ASP B 95 -12.85 -0.81 7.85
N MET B 96 -13.37 -0.80 9.07
CA MET B 96 -14.79 -0.91 9.30
C MET B 96 -15.50 0.44 9.12
N LYS B 97 -14.97 1.48 9.76
CA LYS B 97 -15.55 2.82 9.61
C LYS B 97 -15.65 3.13 8.12
N SER B 98 -14.64 2.70 7.38
CA SER B 98 -14.64 2.77 5.94
C SER B 98 -15.75 2.00 5.22
N ARG B 99 -16.27 0.93 5.81
CA ARG B 99 -17.32 0.12 5.16
C ARG B 99 -18.65 0.48 5.75
N GLY B 100 -18.68 1.53 6.56
CA GLY B 100 -19.90 2.00 7.20
C GLY B 100 -20.37 1.22 8.43
N MET B 101 -19.42 0.66 9.17
CA MET B 101 -19.76 -0.22 10.26
C MET B 101 -19.07 0.21 11.54
N THR B 102 -19.61 -0.23 12.66
CA THR B 102 -19.09 0.12 13.96
C THR B 102 -18.11 -0.94 14.46
N PRO B 103 -16.83 -0.58 14.55
CA PRO B 103 -15.82 -1.53 15.00
C PRO B 103 -15.95 -1.80 16.49
N GLY B 104 -15.64 -3.02 16.91
CA GLY B 104 -15.72 -3.37 18.32
C GLY B 104 -14.53 -4.21 18.73
N SER B 105 -14.38 -4.43 20.04
CA SER B 105 -13.25 -5.22 20.55
C SER B 105 -13.58 -6.04 21.78
N ARG B 106 -13.18 -7.29 21.74
CA ARG B 106 -13.37 -8.18 22.88
C ARG B 106 -12.03 -8.84 23.12
N LEU B 107 -11.43 -8.59 24.28
CA LEU B 107 -10.14 -9.21 24.61
C LEU B 107 -10.45 -10.61 25.05
N ILE B 108 -9.68 -11.60 24.62
CA ILE B 108 -9.95 -12.96 25.08
C ILE B 108 -8.68 -13.68 25.62
N ASP B 109 -7.53 -13.11 25.32
CA ASP B 109 -6.27 -13.66 25.82
C ASP B 109 -5.14 -12.66 25.85
N TYR B 110 -4.34 -12.74 26.91
CA TYR B 110 -3.09 -12.00 27.04
C TYR B 110 -2.01 -12.85 27.71
N GLN B 111 -0.77 -12.60 27.32
CA GLN B 111 0.37 -13.34 27.84
C GLN B 111 1.64 -12.54 27.64
N LEU B 112 2.67 -12.88 28.40
CA LEU B 112 4.02 -12.35 28.18
C LEU B 112 4.92 -13.53 27.89
N ILE B 113 5.29 -13.75 26.64
CA ILE B 113 6.18 -14.90 26.41
C ILE B 113 7.38 -14.54 25.54
N ASP B 114 8.45 -15.28 25.76
CA ASP B 114 9.75 -15.05 25.14
C ASP B 114 9.98 -15.72 23.78
N SER B 115 11.14 -15.45 23.19
CA SER B 115 11.62 -16.11 21.97
C SER B 115 13.09 -15.80 21.70
N GLU B 117 10.66 -18.88 19.55
CA GLU B 117 11.60 -19.57 18.67
C GLU B 117 12.24 -18.52 17.76
N GLU B 118 13.14 -18.98 16.87
CA GLU B 118 13.82 -18.12 15.91
C GLU B 118 12.83 -17.32 15.05
N LEU B 119 11.74 -17.97 14.62
CA LEU B 119 10.74 -17.29 13.82
C LEU B 119 10.14 -16.02 14.48
N ALA B 120 9.82 -16.04 15.76
CA ALA B 120 9.30 -14.82 16.39
C ALA B 120 10.40 -13.76 16.36
N ALA B 121 11.64 -14.23 16.46
CA ALA B 121 12.82 -13.39 16.35
C ALA B 121 12.90 -12.69 14.99
N ILE B 122 12.25 -13.28 13.98
CA ILE B 122 12.28 -12.75 12.61
C ILE B 122 11.58 -11.38 12.40
N LEU B 123 10.83 -10.89 13.38
CA LEU B 123 10.22 -9.55 13.22
C LEU B 123 11.19 -8.44 13.65
N GLY B 124 12.48 -8.72 13.49
CA GLY B 124 13.52 -7.81 13.96
C GLY B 124 13.59 -7.79 15.47
N CYS B 125 13.88 -8.95 16.07
CA CYS B 125 14.00 -9.08 17.52
C CYS B 125 15.13 -8.23 18.04
N GLY B 126 14.93 -7.54 19.15
CA GLY B 126 15.99 -6.71 19.70
C GLY B 126 16.79 -7.47 20.73
N PRO B 128 16.26 -12.94 21.51
CA PRO B 128 15.82 -13.20 22.89
C PRO B 128 15.18 -12.00 23.59
N SER B 129 13.84 -11.92 23.66
CA SER B 129 13.19 -10.82 24.38
C SER B 129 11.77 -11.13 24.89
N SER B 130 11.29 -10.36 25.86
CA SER B 130 9.92 -10.49 26.38
C SER B 130 8.88 -9.77 25.51
N ILE B 131 7.83 -10.51 25.15
CA ILE B 131 6.80 -10.06 24.20
C ILE B 131 5.37 -10.01 24.75
N HIS B 132 4.62 -8.94 24.40
CA HIS B 132 3.16 -8.90 24.57
C HIS B 132 2.49 -9.83 23.55
N LYS B 133 1.54 -10.65 23.96
CA LYS B 133 0.75 -11.41 23.00
C LYS B 133 -0.73 -11.18 23.25
N ILE B 134 -1.31 -10.21 22.55
CA ILE B 134 -2.73 -9.93 22.74
C ILE B 134 -3.55 -10.66 21.69
N THR B 135 -4.50 -11.48 22.11
CA THR B 135 -5.43 -12.14 21.21
C THR B 135 -6.81 -11.55 21.41
N ARG B 136 -7.23 -10.73 20.45
CA ARG B 136 -8.54 -10.09 20.49
C ARG B 136 -9.50 -10.73 19.51
N VAL B 137 -10.78 -10.56 19.78
CA VAL B 137 -11.78 -10.80 18.76
C VAL B 137 -12.28 -9.46 18.23
N ARG B 138 -12.18 -9.33 16.90
CA ARG B 138 -12.56 -8.13 16.17
C ARG B 138 -14.02 -8.25 15.76
N LEU B 139 -14.81 -7.21 15.99
CA LEU B 139 -16.25 -7.23 15.72
C LEU B 139 -16.72 -6.08 14.81
N ALA B 140 -17.83 -6.32 14.12
CA ALA B 140 -18.49 -5.34 13.29
C ALA B 140 -19.97 -5.33 13.61
N ASN B 141 -20.47 -4.25 14.18
CA ASN B 141 -21.87 -4.22 14.58
C ASN B 141 -22.15 -5.39 15.50
N ASP B 142 -21.19 -5.65 16.37
CA ASP B 142 -21.22 -6.71 17.38
C ASP B 142 -21.18 -8.11 16.77
N ILE B 143 -21.00 -8.23 15.46
CA ILE B 143 -20.81 -9.56 14.93
C ILE B 143 -19.31 -9.83 14.90
N PRO B 144 -18.91 -10.98 15.41
CA PRO B 144 -17.50 -11.32 15.26
C PRO B 144 -17.13 -11.47 13.80
N MET B 145 -16.10 -10.76 13.38
CA MET B 145 -15.61 -10.84 12.01
C MET B 145 -14.29 -11.53 11.94
N ALA B 146 -13.40 -11.21 12.87
CA ALA B 146 -12.08 -11.81 12.85
C ALA B 146 -11.50 -12.15 14.24
N ILE B 147 -10.47 -12.99 14.25
CA ILE B 147 -9.67 -13.29 15.43
C ILE B 147 -8.27 -12.81 15.19
N GLU B 148 -7.77 -11.97 16.08
CA GLU B 148 -6.51 -11.27 15.81
C GLU B 148 -5.43 -11.54 16.89
N SER B 149 -4.35 -12.23 16.55
CA SER B 149 -3.25 -12.48 17.49
C SER B 149 -2.10 -11.50 17.27
N SER B 150 -1.99 -10.47 18.12
CA SER B 150 -0.98 -9.43 17.95
C SER B 150 0.30 -9.64 18.76
N HIS B 151 1.47 -9.52 18.12
CA HIS B 151 2.77 -9.81 18.74
C HIS B 151 3.64 -8.56 18.86
N ILE B 152 4.00 -8.15 20.09
CA ILE B 152 4.80 -6.93 20.31
C ILE B 152 5.81 -7.05 21.47
N PRO B 153 7.07 -6.60 21.25
CA PRO B 153 8.15 -6.69 22.25
C PRO B 153 8.12 -5.59 23.34
N PHE B 154 8.82 -5.83 24.47
CA PHE B 154 8.96 -4.79 25.48
C PHE B 154 10.13 -3.88 25.09
N GLU B 155 10.91 -4.34 24.11
CA GLU B 155 12.04 -3.59 23.56
C GLU B 155 11.54 -2.56 22.57
N LEU B 156 10.23 -2.49 22.41
CA LEU B 156 9.62 -1.56 21.48
C LEU B 156 8.27 -1.07 22.01
N ALA B 157 7.93 -1.47 23.24
CA ALA B 157 6.71 -0.94 23.85
C ALA B 157 6.73 -1.09 25.38
N GLY B 158 7.65 -1.91 25.90
CA GLY B 158 7.82 -2.04 27.34
C GLY B 158 6.71 -2.80 28.06
N GLU B 159 5.88 -2.05 28.79
CA GLU B 159 4.64 -2.54 29.38
C GLU B 159 3.55 -1.49 29.13
N LEU B 160 2.28 -1.84 29.37
CA LEU B 160 1.19 -0.86 29.44
C LEU B 160 -0.09 -1.52 29.96
N ASN B 161 -1.06 -0.68 30.34
CA ASN B 161 -2.44 -1.10 30.55
C ASN B 161 -3.33 -0.32 29.58
N GLU B 162 -3.54 -0.90 28.40
CA GLU B 162 -4.45 -0.37 27.39
C GLU B 162 -5.89 -0.37 27.92
N SER B 163 -6.71 0.58 27.48
CA SER B 163 -8.09 0.67 27.95
C SER B 163 -9.09 0.49 26.81
N ILE B 169 -5.75 1.39 19.40
CA ILE B 169 -4.58 2.06 19.94
C ILE B 169 -3.35 1.86 19.03
N TYR B 170 -3.11 2.85 18.19
CA TYR B 170 -2.01 2.82 17.23
C TYR B 170 -0.83 3.68 17.67
N ASP B 171 -1.12 4.86 18.21
CA ASP B 171 -0.14 5.92 18.42
C ASP B 171 0.94 5.58 19.46
N HIS B 172 0.66 4.63 20.35
CA HIS B 172 1.59 4.30 21.42
C HIS B 172 2.96 3.99 20.82
N ILE B 173 2.96 3.28 19.70
CA ILE B 173 4.17 2.81 19.06
C ILE B 173 5.11 3.93 18.64
N GLU B 174 4.57 4.91 17.93
CA GLU B 174 5.31 6.08 17.45
C GLU B 174 5.66 6.98 18.62
N ARG B 175 4.86 6.89 19.67
CA ARG B 175 5.05 7.68 20.87
C ARG B 175 6.18 7.10 21.74
N TYR B 176 6.21 5.78 21.90
CA TYR B 176 7.23 5.12 22.72
C TYR B 176 8.61 5.19 22.06
N ASN B 177 8.65 5.48 20.77
CA ASN B 177 9.93 5.59 20.05
C ASN B 177 10.12 6.93 19.33
N SER B 178 11.30 7.11 18.72
CA SER B 178 11.52 8.25 17.84
C SER B 178 10.57 8.22 16.64
N ILE B 179 10.42 7.02 16.09
CA ILE B 179 9.99 6.85 14.70
C ILE B 179 8.48 6.68 14.53
N PRO B 180 7.92 7.20 13.41
CA PRO B 180 6.53 6.98 12.95
C PRO B 180 6.25 5.66 12.18
N ILE B 181 5.15 5.63 11.42
CA ILE B 181 4.57 4.34 11.04
C ILE B 181 4.90 3.79 9.63
N SER B 182 4.91 4.59 8.56
CA SER B 182 5.37 4.13 7.22
C SER B 182 4.59 2.98 6.56
N ARG B 183 5.32 1.90 6.25
CA ARG B 183 4.86 0.78 5.42
C ARG B 183 4.52 -0.56 6.12
N ALA B 184 3.67 -1.35 5.46
CA ALA B 184 3.17 -2.63 6.01
C ALA B 184 3.15 -3.78 4.99
N LYS B 185 3.35 -5.01 5.49
CA LYS B 185 3.41 -6.25 4.68
C LYS B 185 2.33 -7.28 5.03
N GLN B 186 1.32 -7.43 4.18
CA GLN B 186 0.27 -8.39 4.47
C GLN B 186 0.36 -9.64 3.57
N GLU B 187 0.25 -10.80 4.21
CA GLU B 187 0.21 -12.11 3.58
C GLU B 187 -1.16 -12.74 3.77
N LEU B 188 -1.89 -12.97 2.69
CA LEU B 188 -3.20 -13.56 2.81
C LEU B 188 -3.17 -15.01 2.33
N GLU B 189 -3.95 -15.88 2.97
CA GLU B 189 -3.91 -17.30 2.63
C GLU B 189 -5.25 -17.91 3.02
N PRO B 190 -5.89 -18.67 2.13
CA PRO B 190 -7.22 -19.19 2.44
C PRO B 190 -7.15 -20.48 3.23
N SER B 191 -8.18 -20.70 4.03
CA SER B 191 -8.21 -21.84 4.93
C SER B 191 -9.66 -22.23 5.21
N ALA B 192 -9.83 -23.37 5.89
CA ALA B 192 -11.13 -23.78 6.40
C ALA B 192 -11.11 -23.70 7.91
N ALA B 193 -12.21 -23.25 8.51
CA ALA B 193 -12.24 -22.97 9.96
C ALA B 193 -12.04 -24.19 10.81
N THR B 194 -11.08 -24.11 11.73
CA THR B 194 -10.95 -25.14 12.75
C THR B 194 -12.12 -24.99 13.72
N THR B 195 -12.35 -26.00 14.55
CA THR B 195 -13.50 -26.03 15.44
C THR B 195 -13.41 -24.88 16.47
N GLU B 196 -12.21 -24.47 16.85
CA GLU B 196 -12.15 -23.35 17.77
C GLU B 196 -12.26 -22.02 17.00
N GLU B 197 -11.69 -21.95 15.79
CA GLU B 197 -11.85 -20.77 14.94
C GLU B 197 -13.32 -20.60 14.65
N ALA B 198 -13.93 -21.66 14.11
CA ALA B 198 -15.35 -21.73 13.82
C ALA B 198 -16.22 -21.39 15.01
N ASN B 199 -15.86 -21.93 16.17
CA ASN B 199 -16.68 -21.72 17.36
C ASN B 199 -16.81 -20.25 17.70
N ILE B 200 -15.68 -19.61 17.96
CA ILE B 200 -15.60 -18.18 18.26
C ILE B 200 -16.33 -17.28 17.25
N LEU B 201 -16.01 -17.45 15.97
CA LEU B 201 -16.55 -16.60 14.92
C LEU B 201 -18.02 -16.89 14.69
N GLY B 202 -18.51 -18.00 15.22
CA GLY B 202 -19.88 -18.42 14.98
C GLY B 202 -20.19 -18.86 13.54
N ILE B 203 -19.31 -19.70 12.99
CA ILE B 203 -19.48 -20.28 11.65
C ILE B 203 -19.33 -21.81 11.73
N GLN B 204 -19.80 -22.51 10.70
CA GLN B 204 -19.64 -23.96 10.60
C GLN B 204 -18.16 -24.31 10.52
N LYS B 205 -17.75 -25.44 11.09
CA LYS B 205 -16.38 -25.91 10.91
C LYS B 205 -16.14 -26.10 9.41
N GLY B 206 -14.91 -25.91 8.96
CA GLY B 206 -14.61 -26.03 7.55
C GLY B 206 -15.03 -24.82 6.73
N ALA B 207 -15.76 -23.88 7.33
CA ALA B 207 -16.18 -22.67 6.60
C ALA B 207 -14.95 -21.91 6.17
N PRO B 208 -14.98 -21.37 4.94
CA PRO B 208 -13.88 -20.56 4.41
C PRO B 208 -13.54 -19.37 5.32
N VAL B 209 -12.27 -19.31 5.74
CA VAL B 209 -11.69 -18.17 6.43
C VAL B 209 -10.50 -17.65 5.64
N LEU B 210 -10.10 -16.42 5.93
CA LEU B 210 -8.96 -15.81 5.28
C LEU B 210 -7.90 -15.56 6.34
N LEU B 211 -6.74 -16.19 6.19
CA LEU B 211 -5.63 -16.05 7.11
C LEU B 211 -4.72 -14.89 6.65
N ILE B 212 -4.66 -13.84 7.48
CA ILE B 212 -3.83 -12.65 7.20
C ILE B 212 -2.64 -12.49 8.18
N LYS B 213 -1.40 -12.56 7.67
CA LYS B 213 -0.21 -12.23 8.46
C LYS B 213 0.24 -10.78 8.18
N ARG B 214 -0.05 -9.83 9.07
CA ARG B 214 0.35 -8.44 8.80
C ARG B 214 1.55 -8.01 9.62
N THR B 215 2.72 -7.88 8.99
CA THR B 215 3.86 -7.32 9.73
C THR B 215 4.08 -5.82 9.42
N THR B 216 4.27 -5.05 10.48
CA THR B 216 4.30 -3.59 10.39
C THR B 216 5.62 -2.96 10.83
N TYR B 217 6.09 -2.02 10.02
CA TYR B 217 7.41 -1.43 10.17
C TYR B 217 7.38 0.01 10.68
N LEU B 218 8.50 0.48 11.22
CA LEU B 218 8.66 1.90 11.51
C LEU B 218 9.22 2.55 10.23
N GLN B 219 9.39 3.88 10.23
CA GLN B 219 10.14 4.55 9.16
C GLN B 219 11.60 4.25 9.37
N ASN B 220 11.91 3.75 10.57
CA ASN B 220 13.21 3.17 10.93
C ASN B 220 13.55 2.14 9.88
N GLY B 221 12.51 1.58 9.28
CA GLY B 221 12.63 0.44 8.41
C GLY B 221 12.67 -0.76 9.33
N THR B 222 12.27 -0.53 10.59
CA THR B 222 12.19 -1.59 11.57
C THR B 222 10.74 -1.94 11.89
N ALA B 223 10.47 -3.25 11.86
CA ALA B 223 9.18 -3.80 12.25
C ALA B 223 9.07 -3.90 13.79
N PHE B 224 7.86 -3.70 14.28
CA PHE B 224 7.58 -3.79 15.69
C PHE B 224 6.52 -4.85 16.01
N GLU B 225 5.62 -5.07 15.07
CA GLU B 225 4.49 -6.00 15.23
C GLU B 225 4.37 -7.04 14.11
N HIS B 226 4.11 -8.29 14.48
CA HIS B 226 3.73 -9.33 13.51
C HIS B 226 2.40 -9.94 13.94
N ALA B 227 1.35 -9.78 13.12
CA ALA B 227 0.00 -10.20 13.52
C ALA B 227 -0.63 -11.28 12.62
N LYS B 228 -1.00 -12.42 13.23
CA LYS B 228 -1.68 -13.50 12.56
C LYS B 228 -3.17 -13.41 12.86
N SER B 229 -3.97 -13.20 11.82
CA SER B 229 -5.40 -12.93 11.97
C SER B 229 -6.20 -14.00 11.22
N VAL B 230 -7.42 -14.26 11.67
CA VAL B 230 -8.35 -15.14 10.97
C VAL B 230 -9.67 -14.41 10.75
N TYR B 231 -10.07 -14.35 9.47
CA TYR B 231 -11.22 -13.60 9.04
C TYR B 231 -12.30 -14.48 8.47
N ARG B 232 -13.57 -14.26 8.83
CA ARG B 232 -14.64 -15.10 8.28
C ARG B 232 -14.86 -14.81 6.81
N GLY B 233 -14.95 -15.86 5.99
CA GLY B 233 -15.01 -15.71 4.54
C GLY B 233 -16.35 -15.27 4.01
N ASP B 234 -17.39 -15.48 4.82
CA ASP B 234 -18.74 -15.18 4.41
C ASP B 234 -19.01 -13.67 4.43
N ARG B 235 -18.62 -13.01 5.51
CA ARG B 235 -18.96 -11.59 5.69
C ARG B 235 -17.82 -10.60 5.39
N TYR B 236 -16.66 -11.13 5.01
CA TYR B 236 -15.54 -10.25 4.75
C TYR B 236 -14.87 -10.55 3.41
N THR B 237 -14.73 -9.50 2.60
CA THR B 237 -13.85 -9.53 1.44
C THR B 237 -12.77 -8.45 1.61
N PHE B 238 -11.53 -8.84 1.34
CA PHE B 238 -10.39 -7.93 1.34
C PHE B 238 -10.37 -7.07 0.07
N VAL B 239 -10.36 -5.75 0.24
CA VAL B 239 -10.30 -4.81 -0.87
C VAL B 239 -9.01 -4.06 -0.70
N HIS B 240 -8.38 -3.62 -1.78
CA HIS B 240 -6.95 -3.43 -1.67
C HIS B 240 -6.39 -2.18 -2.36
N TYR B 241 -6.62 -2.01 -3.66
CA TYR B 241 -6.16 -0.84 -4.43
C TYR B 241 -4.65 -0.58 -4.38
N MET B 242 -3.98 -0.79 -5.51
CA MET B 242 -2.52 -0.55 -5.59
C MET B 242 -2.20 0.39 -6.76
N ASP B 243 -1.17 1.23 -6.59
CA ASP B 243 -0.73 2.21 -7.59
C ASP B 243 -1.87 3.15 -7.99
#